data_7P9L
#
_entry.id   7P9L
#
_cell.length_a   114.508
_cell.length_b   114.508
_cell.length_c   119.266
_cell.angle_alpha   90.000
_cell.angle_beta   90.000
_cell.angle_gamma   120.000
#
_symmetry.space_group_name_H-M   'P 32 2 1'
#
loop_
_entity.id
_entity.type
_entity.pdbx_description
1 polymer 'Ubiquitin-like protein SMT3,N-acetyl-D-glucosamine kinase'
2 non-polymer 1,2-ETHANEDIOL
3 non-polymer DI(HYDROXYETHYL)ETHER
4 non-polymer 2-acetamido-2-deoxy-6-O-phosphono-beta-D-glucopyranose
5 non-polymer 'ZINC ION'
6 non-polymer 'POTASSIUM ION'
7 non-polymer 'PHOSPHATE ION'
8 non-polymer 'CHLORIDE ION'
9 non-polymer 2-AMINO-2-HYDROXYMETHYL-PROPANE-1,3-DIOL
10 water water
#
_entity_poly.entity_id   1
_entity_poly.type   'polypeptide(L)'
_entity_poly.pdbx_seq_one_letter_code
;MAHHHHHHGSDSEVNQEAKPEVKPEVKPETHINLKVSDGSSEIFFKIKKTTPLRRLMEAFAKRQGKEMDSLRFLYDGIRI
QADQTPEDLDMEDNDIIEAHREQISSGLEVLFQGTMYYGFDIGGTKIEFGAFDADLVRVARERVATPTESYAAFLDAIVT
LVNNADAEFGVKGTVGIGIPGIADVETGKLLTSNIPAAMGHTLQRDLEERLQRPVKIENDANCFALSEAWDEDLRGEPSV
LGLILGTGVGGGLIFNGKVHSGRANIAGEIGHTRLPYDALKLLGMENAPIFPCGCKNSGCIDNYLSGRGFEQLYDHYFSE
KLSAPEIIAHYEQGERRAVQHVERFMELLAICLANIFTCLDPHVVVLGGGLSNFELIYQELPKRLPAHLLHVAKLPKIIK
ARHGDAGGVRGAAFLNL
;
_entity_poly.pdbx_strand_id   AAA,BBB
#
# COMPACT_ATOMS: atom_id res chain seq x y z
N THR A 115 -20.62 18.40 27.32
CA THR A 115 -20.28 17.78 25.99
C THR A 115 -20.46 16.25 26.06
N MET A 116 -21.24 15.75 25.10
CA MET A 116 -21.47 14.35 24.84
C MET A 116 -21.03 14.08 23.40
N TYR A 117 -20.17 13.07 23.19
CA TYR A 117 -19.72 12.73 21.84
C TYR A 117 -20.33 11.40 21.45
N TYR A 118 -21.05 11.42 20.33
CA TYR A 118 -21.66 10.22 19.82
C TYR A 118 -20.75 9.68 18.72
N GLY A 119 -20.61 8.37 18.74
CA GLY A 119 -19.98 7.64 17.66
C GLY A 119 -20.92 6.54 17.19
N PHE A 120 -21.00 6.40 15.86
CA PHE A 120 -21.71 5.29 15.27
C PHE A 120 -20.70 4.48 14.46
N ASP A 121 -20.76 3.17 14.60
CA ASP A 121 -20.08 2.24 13.72
C ASP A 121 -21.15 1.49 12.94
N ILE A 122 -21.31 1.82 11.65
CA ILE A 122 -22.34 1.24 10.82
C ILE A 122 -21.83 -0.04 10.17
N GLY A 123 -22.62 -1.10 10.31
CA GLY A 123 -22.08 -2.41 9.95
C GLY A 123 -22.85 -3.02 8.78
N GLY A 124 -22.19 -3.97 8.10
CA GLY A 124 -22.89 -4.92 7.25
C GLY A 124 -24.18 -5.41 7.93
N THR A 125 -24.04 -5.85 9.18
CA THR A 125 -25.10 -6.56 9.89
C THR A 125 -25.89 -5.62 10.81
N LYS A 126 -25.18 -4.81 11.63
CA LYS A 126 -25.82 -4.01 12.71
C LYS A 126 -25.24 -2.60 12.85
N ILE A 127 -25.98 -1.68 13.49
CA ILE A 127 -25.47 -0.37 13.87
C ILE A 127 -25.11 -0.27 15.36
N GLU A 128 -23.81 -0.17 15.65
CA GLU A 128 -23.29 0.12 16.98
C GLU A 128 -23.26 1.63 17.26
N PHE A 129 -23.79 1.99 18.44
CA PHE A 129 -23.85 3.37 18.87
C PHE A 129 -23.16 3.52 20.23
N GLY A 130 -22.44 4.63 20.43
CA GLY A 130 -21.77 4.88 21.69
C GLY A 130 -21.79 6.37 22.02
N ALA A 131 -21.94 6.70 23.30
CA ALA A 131 -21.83 8.07 23.76
C ALA A 131 -20.72 8.12 24.79
N PHE A 132 -19.88 9.12 24.65
CA PHE A 132 -18.73 9.36 25.49
C PHE A 132 -18.92 10.72 26.14
N ASP A 133 -18.67 10.77 27.45
CA ASP A 133 -18.83 12.01 28.20
C ASP A 133 -17.55 12.82 28.08
N ALA A 134 -17.50 13.95 28.79
CA ALA A 134 -16.39 14.89 28.71
C ALA A 134 -15.04 14.24 29.05
N ASP A 135 -15.04 13.15 29.84
CA ASP A 135 -13.79 12.48 30.15
C ASP A 135 -13.52 11.31 29.21
N LEU A 136 -14.41 11.10 28.24
CA LEU A 136 -14.28 10.02 27.26
C LEU A 136 -14.64 8.66 27.89
N VAL A 137 -15.41 8.64 28.97
CA VAL A 137 -15.94 7.42 29.55
C VAL A 137 -17.14 7.06 28.70
N ARG A 138 -17.25 5.78 28.31
CA ARG A 138 -18.43 5.39 27.56
C ARG A 138 -19.64 5.36 28.50
N VAL A 139 -20.69 6.17 28.18
CA VAL A 139 -21.85 6.30 29.05
C VAL A 139 -23.10 5.78 28.37
N ALA A 140 -23.02 5.47 27.08
CA ALA A 140 -24.13 4.86 26.38
C ALA A 140 -23.62 3.85 25.39
N ARG A 141 -24.40 2.78 25.24
CA ARG A 141 -24.15 1.76 24.27
C ARG A 141 -25.48 1.19 23.78
N GLU A 142 -25.72 1.31 22.48
CA GLU A 142 -26.89 0.71 21.84
C GLU A 142 -26.43 -0.06 20.61
N ARG A 143 -27.22 -1.06 20.22
CA ARG A 143 -26.91 -1.90 19.07
C ARG A 143 -28.20 -2.26 18.34
N VAL A 144 -28.50 -1.55 17.24
CA VAL A 144 -29.63 -1.89 16.39
C VAL A 144 -29.15 -2.61 15.14
N ALA A 145 -30.03 -3.40 14.54
CA ALA A 145 -29.75 -4.11 13.29
C ALA A 145 -29.63 -3.10 12.17
N THR A 146 -28.74 -3.37 11.20
CA THR A 146 -28.61 -2.42 10.10
C THR A 146 -29.80 -2.57 9.14
N PRO A 147 -30.71 -1.58 9.02
CA PRO A 147 -31.85 -1.69 8.11
C PRO A 147 -31.47 -1.45 6.64
N THR A 148 -31.06 -2.53 5.95
CA THR A 148 -30.41 -2.47 4.64
C THR A 148 -31.41 -2.76 3.52
N GLU A 149 -32.72 -2.73 3.82
CA GLU A 149 -33.70 -2.91 2.76
C GLU A 149 -33.95 -1.57 2.10
N SER A 150 -34.23 -0.56 2.92
CA SER A 150 -34.55 0.77 2.45
C SER A 150 -33.48 1.74 2.91
N TYR A 151 -33.28 2.84 2.18
CA TYR A 151 -32.48 3.96 2.65
C TYR A 151 -33.26 4.82 3.65
N ALA A 152 -34.60 4.86 3.55
CA ALA A 152 -35.41 5.61 4.49
C ALA A 152 -35.20 5.01 5.89
N ALA A 153 -35.09 3.67 5.91
CA ALA A 153 -35.03 2.83 7.10
C ALA A 153 -33.62 2.87 7.71
N PHE A 154 -32.61 2.90 6.83
CA PHE A 154 -31.22 3.12 7.22
C PHE A 154 -31.09 4.47 7.92
N LEU A 155 -31.59 5.52 7.26
CA LEU A 155 -31.46 6.86 7.82
C LEU A 155 -32.16 6.89 9.17
N ASP A 156 -33.34 6.25 9.20
CA ASP A 156 -34.24 6.39 10.34
C ASP A 156 -33.56 5.86 11.59
N ALA A 157 -32.97 4.65 11.45
CA ALA A 157 -32.25 4.02 12.55
C ALA A 157 -31.23 4.96 13.18
N ILE A 158 -30.37 5.61 12.36
CA ILE A 158 -29.34 6.52 12.86
C ILE A 158 -30.02 7.66 13.61
N VAL A 159 -31.13 8.13 13.05
CA VAL A 159 -31.76 9.34 13.56
C VAL A 159 -32.45 9.03 14.90
N THR A 160 -33.08 7.85 14.97
CA THR A 160 -33.68 7.33 16.19
C THR A 160 -32.64 7.31 17.31
N LEU A 161 -31.48 6.70 17.05
CA LEU A 161 -30.46 6.52 18.07
C LEU A 161 -29.95 7.86 18.61
N VAL A 162 -29.85 8.89 17.76
CA VAL A 162 -29.30 10.16 18.25
C VAL A 162 -30.33 10.82 19.16
N ASN A 163 -31.61 10.74 18.74
CA ASN A 163 -32.66 11.45 19.45
C ASN A 163 -32.89 10.78 20.81
N ASN A 164 -32.98 9.45 20.80
CA ASN A 164 -33.12 8.68 22.04
C ASN A 164 -32.02 9.07 23.03
N ALA A 165 -30.76 9.13 22.57
CA ALA A 165 -29.63 9.47 23.42
C ALA A 165 -29.72 10.94 23.86
N ASP A 166 -30.18 11.79 22.94
CA ASP A 166 -30.40 13.19 23.27
C ASP A 166 -31.36 13.33 24.46
N ALA A 167 -32.44 12.53 24.42
CA ALA A 167 -33.53 12.58 25.38
C ALA A 167 -33.09 12.00 26.73
N GLU A 168 -32.20 10.99 26.68
CA GLU A 168 -31.72 10.28 27.85
C GLU A 168 -30.73 11.11 28.67
N PHE A 169 -29.88 11.92 28.01
CA PHE A 169 -28.86 12.66 28.74
C PHE A 169 -29.24 14.12 28.76
N GLY A 170 -30.33 14.43 28.05
CA GLY A 170 -30.82 15.79 27.88
C GLY A 170 -29.75 16.75 27.34
N VAL A 171 -29.11 16.39 26.21
CA VAL A 171 -28.27 17.34 25.49
C VAL A 171 -28.27 16.93 24.01
N LYS A 172 -27.69 17.80 23.16
CA LYS A 172 -27.49 17.51 21.75
C LYS A 172 -26.02 17.17 21.55
N GLY A 173 -25.71 15.88 21.51
CA GLY A 173 -24.32 15.46 21.33
C GLY A 173 -23.78 15.66 19.91
N THR A 174 -22.46 15.79 19.77
CA THR A 174 -21.79 15.71 18.46
C THR A 174 -21.95 14.31 17.83
N VAL A 175 -21.88 14.25 16.49
CA VAL A 175 -22.16 13.04 15.72
C VAL A 175 -20.96 12.74 14.78
N GLY A 176 -20.22 11.68 15.10
CA GLY A 176 -19.22 11.09 14.21
C GLY A 176 -19.69 9.70 13.77
N ILE A 177 -19.56 9.40 12.48
CA ILE A 177 -20.07 8.17 11.92
C ILE A 177 -18.99 7.45 11.11
N GLY A 178 -18.80 6.16 11.43
CA GLY A 178 -17.94 5.27 10.66
C GLY A 178 -18.80 4.37 9.80
N ILE A 179 -18.59 4.44 8.48
CA ILE A 179 -19.40 3.77 7.49
C ILE A 179 -18.52 2.74 6.77
N PRO A 180 -19.11 1.61 6.35
CA PRO A 180 -18.38 0.61 5.59
C PRO A 180 -18.36 0.96 4.11
N GLY A 181 -17.59 1.99 3.81
CA GLY A 181 -17.50 2.51 2.46
C GLY A 181 -16.85 3.89 2.46
N ILE A 182 -17.15 4.65 1.41
CA ILE A 182 -16.45 5.90 1.16
C ILE A 182 -17.50 6.96 0.83
N ALA A 183 -17.34 8.15 1.41
CA ALA A 183 -18.10 9.31 0.97
C ALA A 183 -17.26 10.04 -0.08
N ASP A 184 -17.80 10.14 -1.31
CA ASP A 184 -17.12 10.81 -2.41
C ASP A 184 -16.60 12.16 -1.92
N VAL A 185 -15.32 12.45 -2.16
CA VAL A 185 -14.63 13.65 -1.69
CA VAL A 185 -14.70 13.66 -1.64
C VAL A 185 -15.25 14.91 -2.33
N GLU A 186 -15.90 14.76 -3.49
CA GLU A 186 -16.42 15.93 -4.18
C GLU A 186 -17.93 16.08 -3.95
N THR A 187 -18.69 14.99 -3.98
CA THR A 187 -20.14 15.05 -3.97
C THR A 187 -20.76 14.61 -2.64
N GLY A 188 -19.97 13.95 -1.77
CA GLY A 188 -20.50 13.41 -0.54
C GLY A 188 -21.40 12.19 -0.71
N LYS A 189 -21.57 11.71 -1.94
CA LYS A 189 -22.37 10.52 -2.16
CA LYS A 189 -22.37 10.52 -2.16
C LYS A 189 -21.60 9.28 -1.71
N LEU A 190 -22.29 8.28 -1.13
CA LEU A 190 -21.65 7.08 -0.58
C LEU A 190 -21.44 6.01 -1.62
N LEU A 191 -20.29 5.33 -1.49
CA LEU A 191 -20.08 4.04 -2.12
C LEU A 191 -19.90 3.01 -0.99
N THR A 192 -20.94 2.21 -0.77
CA THR A 192 -20.91 1.18 0.26
C THR A 192 -21.13 -0.19 -0.40
N SER A 193 -20.03 -0.89 -0.73
CA SER A 193 -20.06 -2.04 -1.63
CA SER A 193 -20.03 -2.05 -1.62
C SER A 193 -20.94 -3.18 -1.09
N ASN A 194 -21.03 -3.32 0.24
CA ASN A 194 -21.85 -4.36 0.83
C ASN A 194 -23.14 -3.80 1.46
N ILE A 195 -23.47 -2.53 1.18
CA ILE A 195 -24.78 -1.99 1.56
CA ILE A 195 -24.77 -1.98 1.56
C ILE A 195 -25.40 -1.32 0.34
N PRO A 196 -26.04 -2.09 -0.58
CA PRO A 196 -26.62 -1.48 -1.77
C PRO A 196 -27.71 -0.44 -1.46
N ALA A 197 -28.28 -0.50 -0.25
CA ALA A 197 -29.29 0.42 0.26
C ALA A 197 -28.79 1.85 0.26
N ALA A 198 -27.55 2.07 0.73
CA ALA A 198 -27.08 3.41 0.98
C ALA A 198 -26.37 4.02 -0.24
N MET A 199 -26.10 3.18 -1.24
CA MET A 199 -25.24 3.52 -2.36
C MET A 199 -25.81 4.78 -3.02
N GLY A 200 -24.96 5.81 -3.21
CA GLY A 200 -25.33 7.02 -3.93
C GLY A 200 -25.89 8.14 -3.05
N HIS A 201 -26.09 7.89 -1.75
CA HIS A 201 -26.77 8.93 -0.96
C HIS A 201 -25.80 9.91 -0.31
N THR A 202 -26.26 11.16 -0.14
CA THR A 202 -25.52 12.23 0.53
C THR A 202 -25.71 12.21 2.04
N LEU A 203 -25.14 11.15 2.66
CA LEU A 203 -25.42 10.81 4.05
C LEU A 203 -25.12 11.99 4.97
N GLN A 204 -23.97 12.62 4.76
CA GLN A 204 -23.61 13.66 5.71
C GLN A 204 -24.63 14.80 5.66
N ARG A 205 -25.05 15.21 4.46
CA ARG A 205 -25.98 16.33 4.32
CA ARG A 205 -25.99 16.31 4.28
C ARG A 205 -27.39 15.91 4.75
N ASP A 206 -27.82 14.69 4.40
CA ASP A 206 -29.10 14.16 4.79
C ASP A 206 -29.26 14.10 6.30
N LEU A 207 -28.20 13.69 7.02
CA LEU A 207 -28.23 13.57 8.47
C LEU A 207 -28.10 14.96 9.08
N GLU A 208 -27.29 15.82 8.46
CA GLU A 208 -27.17 17.17 8.99
C GLU A 208 -28.53 17.88 8.89
N GLU A 209 -29.36 17.44 7.93
CA GLU A 209 -30.69 18.02 7.77
C GLU A 209 -31.59 17.53 8.90
N ARG A 210 -31.79 16.21 8.96
CA ARG A 210 -32.69 15.57 9.91
CA ARG A 210 -32.68 15.57 9.92
C ARG A 210 -32.27 15.82 11.36
N LEU A 211 -30.97 16.05 11.63
CA LEU A 211 -30.48 16.17 13.00
C LEU A 211 -30.12 17.61 13.37
N GLN A 212 -30.09 18.49 12.37
CA GLN A 212 -29.88 19.90 12.60
C GLN A 212 -28.57 20.21 13.34
N ARG A 213 -27.49 19.50 13.01
CA ARG A 213 -26.16 19.83 13.51
C ARG A 213 -25.12 19.26 12.53
N PRO A 214 -23.82 19.67 12.61
CA PRO A 214 -22.76 19.09 11.78
C PRO A 214 -22.59 17.59 12.05
N VAL A 215 -22.18 16.85 11.03
CA VAL A 215 -21.96 15.43 11.13
C VAL A 215 -20.63 15.14 10.44
N LYS A 216 -19.77 14.35 11.11
CA LYS A 216 -18.53 13.88 10.50
C LYS A 216 -18.70 12.43 10.05
N ILE A 217 -18.23 12.14 8.82
CA ILE A 217 -18.32 10.81 8.24
C ILE A 217 -16.91 10.34 7.91
N GLU A 218 -16.57 9.12 8.33
CA GLU A 218 -15.26 8.58 8.00
C GLU A 218 -15.46 7.09 7.74
N ASN A 219 -14.53 6.49 7.00
CA ASN A 219 -14.56 5.05 6.79
C ASN A 219 -14.41 4.32 8.13
N ASP A 220 -15.10 3.17 8.23
CA ASP A 220 -15.14 2.41 9.49
C ASP A 220 -13.75 1.85 9.86
N ALA A 221 -13.01 1.34 8.87
CA ALA A 221 -11.67 0.81 9.19
C ALA A 221 -10.71 1.93 9.57
N ASN A 222 -10.81 3.10 8.90
CA ASN A 222 -10.06 4.27 9.37
C ASN A 222 -10.31 4.59 10.85
N CYS A 223 -11.59 4.66 11.24
CA CYS A 223 -11.98 4.94 12.63
C CYS A 223 -11.42 3.89 13.58
N PHE A 224 -11.55 2.62 13.19
CA PHE A 224 -11.03 1.50 14.00
C PHE A 224 -9.53 1.64 14.21
N ALA A 225 -8.80 1.93 13.12
CA ALA A 225 -7.35 1.99 13.19
C ALA A 225 -6.91 3.17 14.05
N LEU A 226 -7.64 4.29 13.92
CA LEU A 226 -7.27 5.50 14.64
C LEU A 226 -7.43 5.25 16.14
N SER A 227 -8.55 4.65 16.54
CA SER A 227 -8.74 4.42 17.96
CA SER A 227 -8.76 4.39 17.97
C SER A 227 -7.73 3.38 18.47
N GLU A 228 -7.48 2.32 17.70
CA GLU A 228 -6.52 1.34 18.16
C GLU A 228 -5.11 1.93 18.24
N ALA A 229 -4.74 2.78 17.29
CA ALA A 229 -3.39 3.35 17.27
C ALA A 229 -3.15 4.33 18.41
N TRP A 230 -4.23 4.93 18.97
CA TRP A 230 -4.02 5.88 20.06
CA TRP A 230 -4.15 5.90 20.05
C TRP A 230 -3.98 5.22 21.42
N ASP A 231 -4.03 3.89 21.44
CA ASP A 231 -3.75 3.12 22.65
C ASP A 231 -2.34 3.42 23.14
N GLU A 232 -2.16 3.44 24.46
CA GLU A 232 -0.88 3.71 25.08
C GLU A 232 0.23 2.79 24.56
N ASP A 233 -0.11 1.52 24.30
CA ASP A 233 0.85 0.51 23.85
CA ASP A 233 0.85 0.51 23.85
C ASP A 233 1.34 0.81 22.43
N LEU A 234 0.56 1.57 21.65
CA LEU A 234 0.88 1.78 20.24
C LEU A 234 1.29 3.21 19.98
N ARG A 235 1.19 4.05 21.02
CA ARG A 235 1.71 5.40 20.94
C ARG A 235 3.21 5.34 20.69
N GLY A 236 3.63 6.01 19.63
CA GLY A 236 5.04 6.06 19.26
C GLY A 236 5.37 5.10 18.12
N GLU A 237 4.43 4.20 17.74
CA GLU A 237 4.69 3.33 16.59
C GLU A 237 4.64 4.17 15.31
N PRO A 238 5.63 4.04 14.41
CA PRO A 238 5.63 4.89 13.21
C PRO A 238 4.47 4.59 12.27
N SER A 239 3.94 3.36 12.30
CA SER A 239 2.80 3.07 11.44
C SER A 239 1.92 1.99 12.06
N VAL A 240 0.61 2.11 11.85
CA VAL A 240 -0.31 1.05 12.29
C VAL A 240 -1.27 0.78 11.15
N LEU A 241 -1.49 -0.49 10.82
CA LEU A 241 -2.54 -0.83 9.89
C LEU A 241 -3.67 -1.54 10.67
N GLY A 242 -4.87 -0.99 10.57
CA GLY A 242 -6.04 -1.64 11.16
C GLY A 242 -6.76 -2.36 10.05
N LEU A 243 -6.98 -3.67 10.19
CA LEU A 243 -7.64 -4.48 9.18
CA LEU A 243 -7.65 -4.47 9.17
C LEU A 243 -8.96 -5.00 9.73
N ILE A 244 -10.05 -4.75 8.99
CA ILE A 244 -11.36 -5.26 9.32
CA ILE A 244 -11.36 -5.26 9.32
C ILE A 244 -11.66 -6.45 8.40
N LEU A 245 -11.96 -7.61 9.00
CA LEU A 245 -12.38 -8.78 8.26
C LEU A 245 -13.81 -9.09 8.74
N GLY A 246 -14.78 -8.53 8.03
CA GLY A 246 -16.18 -8.56 8.47
C GLY A 246 -17.07 -9.04 7.34
N THR A 247 -18.10 -8.25 6.99
CA THR A 247 -18.84 -8.51 5.76
C THR A 247 -17.96 -8.18 4.55
N GLY A 248 -17.07 -7.21 4.75
CA GLY A 248 -16.10 -6.90 3.71
C GLY A 248 -14.70 -6.85 4.32
N VAL A 249 -13.70 -6.42 3.53
CA VAL A 249 -12.34 -6.29 4.04
C VAL A 249 -12.00 -4.81 3.92
N GLY A 250 -11.55 -4.20 5.00
CA GLY A 250 -11.23 -2.79 5.02
C GLY A 250 -9.95 -2.54 5.81
N GLY A 251 -9.26 -1.44 5.48
CA GLY A 251 -8.01 -1.11 6.13
C GLY A 251 -8.01 0.34 6.58
N GLY A 252 -7.31 0.60 7.64
CA GLY A 252 -7.09 1.97 8.08
C GLY A 252 -5.60 2.20 8.25
N LEU A 253 -5.05 3.22 7.57
CA LEU A 253 -3.61 3.43 7.60
C LEU A 253 -3.27 4.61 8.51
N ILE A 254 -2.48 4.35 9.56
CA ILE A 254 -2.03 5.38 10.49
C ILE A 254 -0.51 5.52 10.34
N PHE A 255 -0.06 6.76 10.10
CA PHE A 255 1.37 7.02 10.06
C PHE A 255 1.68 8.09 11.11
N ASN A 256 2.61 7.79 12.02
CA ASN A 256 2.95 8.73 13.09
C ASN A 256 1.70 9.29 13.74
N GLY A 257 0.76 8.39 14.04
CA GLY A 257 -0.42 8.78 14.79
C GLY A 257 -1.50 9.53 14.00
N LYS A 258 -1.35 9.70 12.67
CA LYS A 258 -2.35 10.42 11.90
C LYS A 258 -2.90 9.53 10.77
N VAL A 259 -4.21 9.53 10.61
CA VAL A 259 -4.80 8.73 9.56
CA VAL A 259 -4.89 8.77 9.56
C VAL A 259 -4.43 9.31 8.19
N HIS A 260 -4.07 8.41 7.28
CA HIS A 260 -3.88 8.78 5.88
C HIS A 260 -5.18 8.40 5.21
N SER A 261 -5.99 9.40 4.81
CA SER A 261 -7.29 9.07 4.25
C SER A 261 -7.24 9.01 2.73
N GLY A 262 -6.21 9.62 2.13
CA GLY A 262 -5.99 9.49 0.70
C GLY A 262 -6.58 10.66 -0.09
N ARG A 263 -6.20 10.73 -1.36
CA ARG A 263 -6.63 11.78 -2.26
CA ARG A 263 -6.63 11.73 -2.33
C ARG A 263 -8.16 11.80 -2.38
N ALA A 264 -8.81 10.62 -2.28
CA ALA A 264 -10.26 10.59 -2.45
C ALA A 264 -10.96 9.73 -1.38
N ASN A 265 -10.37 9.65 -0.18
CA ASN A 265 -10.95 8.86 0.92
C ASN A 265 -10.94 7.38 0.61
N ILE A 266 -10.01 6.95 -0.26
CA ILE A 266 -9.90 5.54 -0.61
C ILE A 266 -8.75 4.82 0.09
N ALA A 267 -7.90 5.54 0.81
CA ALA A 267 -6.75 4.88 1.40
C ALA A 267 -7.21 3.74 2.30
N GLY A 268 -6.51 2.60 2.15
CA GLY A 268 -6.78 1.41 2.94
C GLY A 268 -7.86 0.52 2.34
N GLU A 269 -8.34 0.83 1.11
CA GLU A 269 -9.37 -0.01 0.49
C GLU A 269 -8.77 -1.28 -0.10
N ILE A 270 -8.06 -2.06 0.72
CA ILE A 270 -7.38 -3.26 0.25
CA ILE A 270 -7.38 -3.26 0.24
C ILE A 270 -8.40 -4.31 -0.17
N GLY A 271 -9.65 -4.21 0.33
CA GLY A 271 -10.70 -5.13 -0.07
C GLY A 271 -11.01 -5.03 -1.56
N HIS A 272 -10.73 -3.85 -2.18
CA HIS A 272 -11.00 -3.72 -3.61
C HIS A 272 -9.71 -3.74 -4.42
N THR A 273 -8.76 -4.54 -3.96
CA THR A 273 -7.62 -4.94 -4.80
C THR A 273 -7.90 -6.37 -5.18
N ARG A 274 -7.43 -6.77 -6.36
CA ARG A 274 -7.73 -8.08 -6.88
C ARG A 274 -6.77 -9.13 -6.35
N LEU A 275 -7.21 -10.40 -6.36
CA LEU A 275 -6.41 -11.49 -5.84
C LEU A 275 -5.07 -11.46 -6.57
N PRO A 276 -3.94 -11.59 -5.85
CA PRO A 276 -2.64 -11.65 -6.53
C PRO A 276 -2.42 -13.04 -7.11
N TYR A 277 -1.44 -13.13 -8.00
CA TYR A 277 -1.17 -14.35 -8.73
C TYR A 277 -0.95 -15.54 -7.78
N ASP A 278 -0.20 -15.36 -6.70
CA ASP A 278 0.11 -16.48 -5.82
C ASP A 278 -1.17 -16.99 -5.09
N ALA A 279 -2.11 -16.10 -4.80
CA ALA A 279 -3.40 -16.53 -4.25
C ALA A 279 -4.23 -17.28 -5.29
N LEU A 280 -4.20 -16.81 -6.56
CA LEU A 280 -4.96 -17.49 -7.60
C LEU A 280 -4.41 -18.88 -7.84
N LYS A 281 -3.08 -19.01 -7.79
CA LYS A 281 -2.43 -20.29 -7.98
C LYS A 281 -2.92 -21.23 -6.87
N LEU A 282 -2.98 -20.74 -5.64
CA LEU A 282 -3.44 -21.57 -4.53
C LEU A 282 -4.87 -22.06 -4.78
N LEU A 283 -5.73 -21.22 -5.37
CA LEU A 283 -7.15 -21.52 -5.54
C LEU A 283 -7.46 -22.27 -6.84
N GLY A 284 -6.47 -22.55 -7.68
CA GLY A 284 -6.64 -23.37 -8.87
C GLY A 284 -6.47 -22.59 -10.19
N MET A 285 -5.98 -21.34 -10.13
CA MET A 285 -5.64 -20.54 -11.32
C MET A 285 -6.86 -20.36 -12.24
N GLU A 286 -6.89 -20.99 -13.43
CA GLU A 286 -8.04 -20.81 -14.30
C GLU A 286 -9.27 -21.48 -13.71
N ASN A 287 -9.09 -22.36 -12.73
CA ASN A 287 -10.21 -22.99 -12.06
C ASN A 287 -10.60 -22.25 -10.77
N ALA A 288 -9.89 -21.18 -10.39
CA ALA A 288 -10.19 -20.46 -9.17
C ALA A 288 -11.57 -19.82 -9.26
N PRO A 289 -12.36 -19.75 -8.15
CA PRO A 289 -13.65 -19.05 -8.18
C PRO A 289 -13.35 -17.56 -8.26
N ILE A 290 -14.01 -16.89 -9.21
CA ILE A 290 -13.85 -15.45 -9.37
C ILE A 290 -15.16 -14.83 -8.91
N PHE A 291 -15.18 -14.26 -7.70
CA PHE A 291 -16.46 -13.80 -7.19
C PHE A 291 -16.73 -12.38 -7.67
N PRO A 292 -18.00 -12.01 -7.96
CA PRO A 292 -18.34 -10.62 -8.31
C PRO A 292 -18.28 -9.76 -7.05
N CYS A 293 -17.96 -8.48 -7.22
CA CYS A 293 -17.81 -7.60 -6.06
C CYS A 293 -18.91 -6.55 -6.05
N GLY A 294 -19.24 -6.08 -4.84
CA GLY A 294 -20.17 -4.98 -4.75
C GLY A 294 -19.66 -3.71 -5.46
N CYS A 295 -18.32 -3.55 -5.65
CA CYS A 295 -17.87 -2.35 -6.35
C CYS A 295 -18.10 -2.46 -7.85
N LYS A 296 -18.55 -3.65 -8.28
CA LYS A 296 -18.82 -4.04 -9.66
C LYS A 296 -17.58 -4.54 -10.41
N ASN A 297 -16.42 -4.64 -9.74
CA ASN A 297 -15.29 -5.37 -10.32
C ASN A 297 -15.47 -6.84 -10.00
N SER A 298 -14.48 -7.69 -10.27
CA SER A 298 -14.56 -9.09 -9.93
CA SER A 298 -14.55 -9.11 -9.99
C SER A 298 -13.21 -9.57 -9.42
N GLY A 299 -13.26 -10.50 -8.47
CA GLY A 299 -12.02 -11.02 -7.93
C GLY A 299 -11.41 -10.13 -6.82
N CYS A 300 -12.14 -9.10 -6.35
CA CYS A 300 -11.62 -8.29 -5.26
C CYS A 300 -11.49 -9.17 -4.00
N ILE A 301 -10.46 -8.94 -3.21
CA ILE A 301 -10.25 -9.75 -2.00
C ILE A 301 -11.34 -9.55 -0.93
N ASP A 302 -12.12 -8.47 -1.01
CA ASP A 302 -13.31 -8.23 -0.18
C ASP A 302 -14.20 -9.48 -0.10
N ASN A 303 -14.26 -10.24 -1.20
CA ASN A 303 -15.14 -11.38 -1.41
C ASN A 303 -14.47 -12.70 -1.04
N TYR A 304 -13.26 -12.63 -0.49
CA TYR A 304 -12.50 -13.82 -0.15
C TYR A 304 -12.07 -13.82 1.30
N LEU A 305 -11.52 -12.69 1.80
CA LEU A 305 -10.89 -12.74 3.13
C LEU A 305 -11.82 -12.25 4.25
N SER A 306 -12.97 -11.71 3.87
CA SER A 306 -13.98 -11.30 4.84
C SER A 306 -14.61 -12.56 5.45
N GLY A 307 -15.40 -12.39 6.52
CA GLY A 307 -16.20 -13.51 7.01
C GLY A 307 -17.16 -14.02 5.94
N ARG A 308 -17.77 -13.11 5.15
CA ARG A 308 -18.57 -13.49 4.01
C ARG A 308 -17.74 -14.31 3.00
N GLY A 309 -16.51 -13.87 2.74
CA GLY A 309 -15.70 -14.53 1.71
C GLY A 309 -15.26 -15.93 2.19
N PHE A 310 -14.93 -16.03 3.48
CA PHE A 310 -14.66 -17.30 4.13
C PHE A 310 -15.81 -18.29 3.84
N GLU A 311 -17.07 -17.82 4.02
CA GLU A 311 -18.26 -18.64 3.76
C GLU A 311 -18.42 -18.98 2.28
N GLN A 312 -18.18 -17.99 1.40
CA GLN A 312 -18.38 -18.22 -0.02
C GLN A 312 -17.34 -19.20 -0.54
N LEU A 313 -16.11 -19.13 0.00
CA LEU A 313 -15.10 -20.09 -0.45
C LEU A 313 -15.48 -21.51 -0.02
N TYR A 314 -15.96 -21.66 1.24
CA TYR A 314 -16.40 -22.98 1.67
C TYR A 314 -17.46 -23.54 0.72
N ASP A 315 -18.48 -22.71 0.43
CA ASP A 315 -19.62 -23.17 -0.35
C ASP A 315 -19.17 -23.49 -1.77
N HIS A 316 -18.21 -22.72 -2.30
CA HIS A 316 -17.75 -23.02 -3.65
C HIS A 316 -17.12 -24.42 -3.68
N TYR A 317 -16.28 -24.75 -2.69
CA TYR A 317 -15.55 -26.01 -2.76
C TYR A 317 -16.39 -27.20 -2.27
N PHE A 318 -17.40 -26.98 -1.40
CA PHE A 318 -18.04 -28.11 -0.71
C PHE A 318 -19.55 -28.14 -0.93
N SER A 319 -20.12 -27.15 -1.63
CA SER A 319 -21.53 -27.07 -2.00
C SER A 319 -22.47 -27.23 -0.79
N GLU A 320 -22.16 -26.54 0.29
CA GLU A 320 -23.06 -26.41 1.42
C GLU A 320 -22.91 -25.00 1.95
N LYS A 321 -24.04 -24.33 2.19
CA LYS A 321 -23.99 -22.93 2.60
C LYS A 321 -23.91 -22.79 4.12
N LEU A 322 -22.75 -23.06 4.70
CA LEU A 322 -22.59 -22.98 6.14
C LEU A 322 -22.15 -21.56 6.52
N SER A 323 -22.46 -21.12 7.73
CA SER A 323 -21.98 -19.84 8.24
C SER A 323 -20.52 -19.98 8.66
N ALA A 324 -19.79 -18.85 8.81
CA ALA A 324 -18.42 -18.91 9.27
C ALA A 324 -18.30 -19.55 10.67
N PRO A 325 -19.12 -19.18 11.69
CA PRO A 325 -19.04 -19.86 12.99
C PRO A 325 -19.27 -21.37 12.90
N GLU A 326 -20.19 -21.82 12.02
CA GLU A 326 -20.47 -23.23 11.86
C GLU A 326 -19.24 -23.93 11.27
N ILE A 327 -18.64 -23.33 10.23
CA ILE A 327 -17.42 -23.94 9.65
C ILE A 327 -16.32 -23.99 10.69
N ILE A 328 -16.14 -22.90 11.46
CA ILE A 328 -15.11 -22.91 12.46
C ILE A 328 -15.37 -23.96 13.55
N ALA A 329 -16.63 -24.15 13.94
CA ALA A 329 -16.93 -25.18 14.93
C ALA A 329 -16.59 -26.56 14.35
N HIS A 330 -16.92 -26.80 13.09
CA HIS A 330 -16.58 -28.07 12.48
C HIS A 330 -15.06 -28.26 12.42
N TYR A 331 -14.33 -27.17 12.09
CA TYR A 331 -12.87 -27.21 12.13
C TYR A 331 -12.35 -27.63 13.51
N GLU A 332 -12.94 -27.07 14.56
CA GLU A 332 -12.53 -27.41 15.93
C GLU A 332 -12.81 -28.88 16.27
N GLN A 333 -13.72 -29.54 15.54
CA GLN A 333 -13.99 -30.95 15.78
CA GLN A 333 -13.99 -30.95 15.78
C GLN A 333 -13.09 -31.80 14.88
N GLY A 334 -12.30 -31.14 14.03
CA GLY A 334 -11.42 -31.91 13.13
C GLY A 334 -12.14 -32.47 11.92
N GLU A 335 -13.34 -31.95 11.60
CA GLU A 335 -14.09 -32.47 10.46
C GLU A 335 -13.29 -32.18 9.17
N ARG A 336 -13.28 -33.14 8.24
CA ARG A 336 -12.38 -33.16 7.07
C ARG A 336 -12.55 -31.92 6.17
N ARG A 337 -13.78 -31.58 5.76
CA ARG A 337 -14.02 -30.48 4.84
C ARG A 337 -13.60 -29.15 5.50
N ALA A 338 -13.94 -28.99 6.78
CA ALA A 338 -13.64 -27.76 7.48
C ALA A 338 -12.12 -27.62 7.63
N VAL A 339 -11.43 -28.74 7.91
CA VAL A 339 -9.98 -28.70 8.08
C VAL A 339 -9.32 -28.30 6.76
N GLN A 340 -9.77 -28.87 5.63
CA GLN A 340 -9.25 -28.53 4.30
CA GLN A 340 -9.22 -28.51 4.33
C GLN A 340 -9.49 -27.04 4.03
N HIS A 341 -10.72 -26.57 4.33
CA HIS A 341 -11.08 -25.17 4.08
C HIS A 341 -10.22 -24.20 4.89
N VAL A 342 -10.01 -24.52 6.16
CA VAL A 342 -9.33 -23.60 7.06
C VAL A 342 -7.84 -23.54 6.65
N GLU A 343 -7.28 -24.67 6.23
CA GLU A 343 -5.89 -24.71 5.79
C GLU A 343 -5.72 -23.84 4.53
N ARG A 344 -6.65 -23.99 3.60
CA ARG A 344 -6.67 -23.18 2.38
C ARG A 344 -6.86 -21.70 2.72
N PHE A 345 -7.80 -21.40 3.61
CA PHE A 345 -8.09 -20.02 3.97
C PHE A 345 -6.88 -19.35 4.63
N MET A 346 -6.23 -20.04 5.58
CA MET A 346 -5.09 -19.49 6.32
C MET A 346 -3.94 -19.18 5.35
N GLU A 347 -3.77 -20.04 4.35
CA GLU A 347 -2.71 -19.83 3.37
C GLU A 347 -3.10 -18.67 2.46
N LEU A 348 -4.38 -18.60 2.06
CA LEU A 348 -4.85 -17.51 1.22
C LEU A 348 -4.68 -16.16 1.94
N LEU A 349 -5.02 -16.11 3.22
CA LEU A 349 -4.92 -14.92 4.05
C LEU A 349 -3.44 -14.54 4.14
N ALA A 350 -2.54 -15.50 4.39
CA ALA A 350 -1.13 -15.19 4.51
C ALA A 350 -0.59 -14.63 3.18
N ILE A 351 -0.95 -15.26 2.06
CA ILE A 351 -0.47 -14.81 0.76
C ILE A 351 -0.93 -13.38 0.49
N CYS A 352 -2.25 -13.12 0.67
CA CYS A 352 -2.77 -11.77 0.41
C CYS A 352 -2.14 -10.73 1.33
N LEU A 353 -2.03 -11.03 2.63
CA LEU A 353 -1.47 -10.06 3.54
C LEU A 353 0.04 -9.87 3.27
N ALA A 354 0.74 -10.93 2.86
CA ALA A 354 2.17 -10.78 2.54
C ALA A 354 2.36 -9.77 1.39
N ASN A 355 1.50 -9.85 0.37
CA ASN A 355 1.52 -8.89 -0.74
C ASN A 355 1.32 -7.47 -0.20
N ILE A 356 0.28 -7.31 0.65
CA ILE A 356 -0.06 -6.01 1.21
CA ILE A 356 -0.07 -6.02 1.22
C ILE A 356 1.09 -5.50 2.08
N PHE A 357 1.73 -6.39 2.84
CA PHE A 357 2.78 -5.97 3.76
C PHE A 357 4.08 -5.66 3.01
N THR A 358 4.21 -6.20 1.80
CA THR A 358 5.41 -5.90 1.01
C THR A 358 5.26 -4.48 0.44
N CYS A 359 4.03 -4.05 0.20
CA CYS A 359 3.72 -2.67 -0.22
C CYS A 359 3.80 -1.72 0.97
N LEU A 360 3.07 -2.03 2.06
CA LEU A 360 2.93 -1.07 3.15
C LEU A 360 3.92 -1.26 4.30
N ASP A 361 4.43 -2.48 4.53
CA ASP A 361 5.38 -2.75 5.62
C ASP A 361 5.01 -2.13 6.97
N PRO A 362 3.78 -2.34 7.49
CA PRO A 362 3.39 -1.71 8.75
C PRO A 362 4.13 -2.25 9.97
N HIS A 363 4.28 -1.40 10.97
CA HIS A 363 4.93 -1.78 12.23
C HIS A 363 4.00 -2.67 13.07
N VAL A 364 2.71 -2.40 13.02
CA VAL A 364 1.71 -3.11 13.84
C VAL A 364 0.48 -3.34 12.98
N VAL A 365 -0.09 -4.54 13.07
CA VAL A 365 -1.31 -4.81 12.34
C VAL A 365 -2.34 -5.21 13.40
N VAL A 366 -3.47 -4.50 13.41
CA VAL A 366 -4.52 -4.81 14.40
CA VAL A 366 -4.51 -4.82 14.40
C VAL A 366 -5.72 -5.35 13.64
N LEU A 367 -6.21 -6.53 14.04
CA LEU A 367 -7.31 -7.10 13.30
C LEU A 367 -8.63 -6.89 14.03
N GLY A 368 -9.66 -6.55 13.29
CA GLY A 368 -11.01 -6.37 13.82
C GLY A 368 -12.03 -7.00 12.89
N GLY A 369 -13.32 -6.90 13.30
CA GLY A 369 -14.40 -7.52 12.55
C GLY A 369 -14.65 -8.96 13.03
N GLY A 370 -15.78 -9.55 12.62
CA GLY A 370 -16.18 -10.87 13.10
C GLY A 370 -15.08 -11.92 12.97
N LEU A 371 -14.39 -11.96 11.83
CA LEU A 371 -13.43 -13.04 11.63
C LEU A 371 -12.15 -12.83 12.43
N SER A 372 -11.94 -11.63 12.98
CA SER A 372 -10.80 -11.44 13.89
C SER A 372 -10.94 -12.21 15.20
N ASN A 373 -12.12 -12.76 15.44
CA ASN A 373 -12.26 -13.53 16.68
C ASN A 373 -11.84 -14.99 16.45
N PHE A 374 -11.50 -15.36 15.21
CA PHE A 374 -10.99 -16.69 14.94
C PHE A 374 -9.54 -16.73 15.39
N GLU A 375 -9.32 -17.34 16.57
CA GLU A 375 -8.06 -17.21 17.30
C GLU A 375 -6.91 -17.87 16.54
N LEU A 376 -7.21 -18.88 15.72
CA LEU A 376 -6.20 -19.59 14.96
C LEU A 376 -5.36 -18.60 14.11
N ILE A 377 -6.01 -17.52 13.66
CA ILE A 377 -5.35 -16.54 12.78
C ILE A 377 -4.04 -16.05 13.40
N TYR A 378 -4.05 -15.72 14.70
CA TYR A 378 -2.87 -15.15 15.37
C TYR A 378 -1.72 -16.14 15.52
N GLN A 379 -2.06 -17.43 15.48
CA GLN A 379 -1.05 -18.48 15.52
CA GLN A 379 -1.05 -18.48 15.52
C GLN A 379 -0.51 -18.77 14.12
N GLU A 380 -1.40 -18.83 13.13
CA GLU A 380 -1.03 -19.27 11.79
C GLU A 380 -0.36 -18.16 10.95
N LEU A 381 -0.80 -16.90 11.07
CA LEU A 381 -0.19 -15.84 10.24
C LEU A 381 1.31 -15.73 10.41
N PRO A 382 1.84 -15.61 11.66
CA PRO A 382 3.27 -15.52 11.87
C PRO A 382 3.99 -16.74 11.30
N LYS A 383 3.34 -17.91 11.27
CA LYS A 383 4.03 -19.06 10.71
C LYS A 383 4.03 -19.01 9.17
N ARG A 384 2.95 -18.52 8.56
CA ARG A 384 2.78 -18.74 7.12
C ARG A 384 3.24 -17.51 6.33
N LEU A 385 3.31 -16.31 6.95
CA LEU A 385 3.69 -15.11 6.24
C LEU A 385 5.14 -15.19 5.70
N PRO A 386 6.14 -15.66 6.47
CA PRO A 386 7.54 -15.56 6.03
C PRO A 386 7.89 -16.10 4.66
N ALA A 387 7.22 -17.19 4.27
CA ALA A 387 7.47 -17.81 2.96
C ALA A 387 7.14 -16.82 1.85
N HIS A 388 6.20 -15.89 2.08
CA HIS A 388 5.73 -15.05 0.98
C HIS A 388 6.22 -13.60 1.09
N LEU A 389 6.99 -13.29 2.13
CA LEU A 389 7.59 -11.97 2.32
C LEU A 389 9.00 -11.98 1.76
N LEU A 390 9.60 -10.79 1.66
CA LEU A 390 11.01 -10.70 1.24
C LEU A 390 11.87 -11.27 2.33
N HIS A 391 13.07 -11.68 1.93
CA HIS A 391 13.95 -12.41 2.82
C HIS A 391 14.31 -11.58 4.06
N VAL A 392 14.47 -10.26 3.92
CA VAL A 392 14.87 -9.43 5.04
C VAL A 392 13.66 -8.83 5.78
N ALA A 393 12.44 -9.24 5.41
CA ALA A 393 11.23 -8.76 6.09
C ALA A 393 11.23 -9.27 7.53
N LYS A 394 10.68 -8.45 8.42
CA LYS A 394 10.52 -8.81 9.82
C LYS A 394 9.00 -8.74 10.01
N LEU A 395 8.46 -9.63 10.83
CA LEU A 395 7.00 -9.60 10.98
C LEU A 395 6.57 -8.33 11.70
N PRO A 396 5.41 -7.76 11.35
CA PRO A 396 4.82 -6.70 12.18
C PRO A 396 4.26 -7.41 13.41
N LYS A 397 4.01 -6.65 14.48
CA LYS A 397 3.25 -7.16 15.60
C LYS A 397 1.80 -7.33 15.14
N ILE A 398 1.26 -8.56 15.19
CA ILE A 398 -0.08 -8.84 14.68
C ILE A 398 -0.98 -9.13 15.87
N ILE A 399 -1.88 -8.18 16.17
CA ILE A 399 -2.62 -8.25 17.42
C ILE A 399 -4.12 -8.18 17.15
N LYS A 400 -4.88 -8.80 18.06
CA LYS A 400 -6.33 -8.71 18.05
CA LYS A 400 -6.32 -8.70 18.04
C LYS A 400 -6.73 -7.32 18.60
N ALA A 401 -7.82 -6.75 18.06
CA ALA A 401 -8.34 -5.48 18.54
C ALA A 401 -8.33 -5.40 20.06
N ARG A 402 -7.78 -4.31 20.60
CA ARG A 402 -7.72 -4.15 22.04
CA ARG A 402 -7.69 -4.07 22.02
C ARG A 402 -9.01 -3.51 22.58
N HIS A 403 -9.87 -3.01 21.70
CA HIS A 403 -11.12 -2.41 22.16
C HIS A 403 -12.27 -3.31 21.75
N GLY A 404 -11.97 -4.56 21.43
CA GLY A 404 -13.02 -5.51 21.09
C GLY A 404 -13.75 -5.07 19.84
N ASP A 405 -15.08 -4.95 19.97
CA ASP A 405 -15.88 -4.53 18.83
C ASP A 405 -16.18 -3.02 18.86
N ALA A 406 -15.49 -2.27 19.72
CA ALA A 406 -15.82 -0.85 19.94
C ALA A 406 -14.87 0.13 19.23
N GLY A 407 -13.79 -0.36 18.61
CA GLY A 407 -12.81 0.56 18.00
C GLY A 407 -13.40 1.54 16.98
N GLY A 408 -14.31 1.06 16.15
CA GLY A 408 -15.03 1.85 15.17
C GLY A 408 -15.87 2.94 15.82
N VAL A 409 -16.65 2.59 16.85
CA VAL A 409 -17.50 3.54 17.55
C VAL A 409 -16.65 4.60 18.23
N ARG A 410 -15.57 4.18 18.88
CA ARG A 410 -14.70 5.12 19.56
CA ARG A 410 -14.68 5.10 19.56
C ARG A 410 -14.01 6.04 18.55
N GLY A 411 -13.45 5.48 17.48
CA GLY A 411 -12.81 6.32 16.45
C GLY A 411 -13.77 7.34 15.84
N ALA A 412 -15.00 6.89 15.56
CA ALA A 412 -16.01 7.76 15.01
C ALA A 412 -16.35 8.89 15.98
N ALA A 413 -16.54 8.57 17.26
CA ALA A 413 -16.92 9.55 18.27
C ALA A 413 -15.84 10.62 18.35
N PHE A 414 -14.60 10.16 18.29
CA PHE A 414 -13.42 10.96 18.57
C PHE A 414 -13.04 11.79 17.35
N LEU A 415 -13.76 11.65 16.24
CA LEU A 415 -13.51 12.55 15.10
C LEU A 415 -13.80 13.98 15.56
N ASN A 416 -14.75 14.14 16.50
CA ASN A 416 -15.22 15.42 16.98
C ASN A 416 -14.49 15.83 18.26
N LEU A 417 -13.27 15.32 18.49
CA LEU A 417 -12.44 15.66 19.65
C LEU A 417 -11.56 16.86 19.30
N PHE B 112 38.20 27.77 3.41
CA PHE B 112 37.69 26.38 3.62
C PHE B 112 36.32 26.19 2.97
N GLN B 113 36.19 25.11 2.20
CA GLN B 113 34.99 24.76 1.44
C GLN B 113 33.74 24.68 2.33
N GLY B 114 33.87 24.20 3.57
CA GLY B 114 32.71 23.94 4.41
C GLY B 114 32.18 22.50 4.27
N THR B 115 30.97 22.27 4.80
CA THR B 115 30.27 20.99 4.68
C THR B 115 30.00 20.67 3.21
N MET B 116 30.32 19.43 2.82
CA MET B 116 29.97 18.89 1.53
C MET B 116 29.18 17.59 1.73
N TYR B 117 28.05 17.46 1.04
CA TYR B 117 27.21 16.27 1.17
C TYR B 117 27.28 15.47 -0.10
N TYR B 118 27.71 14.21 0.04
CA TYR B 118 27.85 13.35 -1.10
C TYR B 118 26.61 12.46 -1.11
N GLY B 119 26.10 12.24 -2.31
CA GLY B 119 25.03 11.28 -2.52
C GLY B 119 25.42 10.36 -3.64
N PHE B 120 25.07 9.09 -3.47
CA PHE B 120 25.25 8.10 -4.50
C PHE B 120 23.90 7.51 -4.78
N ASP B 121 23.63 7.32 -6.08
CA ASP B 121 22.51 6.55 -6.54
C ASP B 121 23.10 5.34 -7.26
N ILE B 122 22.99 4.16 -6.64
CA ILE B 122 23.59 2.95 -7.19
CA ILE B 122 23.60 2.95 -7.19
C ILE B 122 22.59 2.24 -8.09
N GLY B 123 23.07 1.93 -9.31
CA GLY B 123 22.26 1.13 -10.20
C GLY B 123 23.03 -0.11 -10.65
N GLY B 124 22.32 -0.96 -11.40
CA GLY B 124 22.90 -2.12 -12.05
C GLY B 124 24.18 -1.74 -12.79
N THR B 125 24.06 -0.72 -13.63
CA THR B 125 25.05 -0.40 -14.65
C THR B 125 26.01 0.68 -14.17
N LYS B 126 25.46 1.77 -13.60
CA LYS B 126 26.27 2.93 -13.25
C LYS B 126 26.02 3.33 -11.80
N ILE B 127 27.08 3.87 -11.20
CA ILE B 127 26.98 4.58 -9.95
C ILE B 127 26.96 6.08 -10.28
N GLU B 128 25.83 6.74 -9.99
CA GLU B 128 25.70 8.20 -10.09
C GLU B 128 26.15 8.81 -8.76
N PHE B 129 27.09 9.75 -8.87
CA PHE B 129 27.60 10.46 -7.72
C PHE B 129 27.30 11.96 -7.83
N GLY B 130 26.96 12.55 -6.71
CA GLY B 130 26.73 14.00 -6.65
C GLY B 130 27.33 14.56 -5.37
N ALA B 131 27.92 15.76 -5.44
CA ALA B 131 28.35 16.46 -4.23
C ALA B 131 27.60 17.77 -4.20
N PHE B 132 27.07 18.10 -3.01
CA PHE B 132 26.29 19.29 -2.77
C PHE B 132 27.00 20.11 -1.71
N ASP B 133 27.08 21.43 -1.93
CA ASP B 133 27.81 22.28 -1.01
C ASP B 133 26.85 22.76 0.08
N ALA B 134 27.32 23.66 0.95
CA ALA B 134 26.54 24.11 2.10
C ALA B 134 25.20 24.74 1.70
N ASP B 135 25.10 25.26 0.49
CA ASP B 135 23.82 25.82 0.03
C ASP B 135 23.01 24.80 -0.76
N LEU B 136 23.52 23.57 -0.87
CA LEU B 136 22.82 22.48 -1.56
C LEU B 136 22.90 22.66 -3.09
N VAL B 137 23.89 23.41 -3.57
CA VAL B 137 24.13 23.55 -5.01
C VAL B 137 24.92 22.31 -5.40
N ARG B 138 24.51 21.63 -6.49
CA ARG B 138 25.32 20.51 -6.95
C ARG B 138 26.64 21.01 -7.54
N VAL B 139 27.78 20.59 -6.95
CA VAL B 139 29.09 21.07 -7.37
C VAL B 139 29.95 19.94 -7.92
N ALA B 140 29.43 18.70 -7.87
CA ALA B 140 30.12 17.59 -8.51
C ALA B 140 29.08 16.63 -9.05
N ARG B 141 29.44 16.03 -10.18
CA ARG B 141 28.64 15.01 -10.81
C ARG B 141 29.60 14.06 -11.50
N GLU B 142 29.55 12.80 -11.10
CA GLU B 142 30.36 11.74 -11.68
C GLU B 142 29.45 10.55 -11.96
N ARG B 143 29.87 9.76 -12.95
CA ARG B 143 29.24 8.51 -13.28
CA ARG B 143 29.23 8.50 -13.30
C ARG B 143 30.32 7.47 -13.58
N VAL B 144 30.55 6.53 -12.65
CA VAL B 144 31.47 5.43 -12.92
C VAL B 144 30.66 4.17 -13.18
N ALA B 145 31.32 3.19 -13.79
CA ALA B 145 30.77 1.86 -14.06
C ALA B 145 30.45 1.17 -12.73
N THR B 146 29.28 0.53 -12.65
CA THR B 146 29.02 -0.27 -11.45
C THR B 146 29.69 -1.63 -11.62
N PRO B 147 30.73 -1.97 -10.83
CA PRO B 147 31.32 -3.30 -10.90
C PRO B 147 30.29 -4.30 -10.39
N THR B 148 29.61 -5.06 -11.28
CA THR B 148 28.68 -6.09 -10.81
C THR B 148 29.33 -7.47 -10.80
N GLU B 149 30.67 -7.52 -10.94
CA GLU B 149 31.41 -8.74 -10.71
C GLU B 149 31.84 -8.84 -9.25
N SER B 150 33.01 -8.30 -8.91
CA SER B 150 33.50 -8.41 -7.54
C SER B 150 32.73 -7.46 -6.63
N TYR B 151 32.58 -7.84 -5.36
CA TYR B 151 32.03 -6.95 -4.35
C TYR B 151 33.13 -6.02 -3.84
N ALA B 152 34.40 -6.43 -3.92
CA ALA B 152 35.51 -5.61 -3.45
C ALA B 152 35.72 -4.42 -4.41
N ALA B 153 35.27 -4.66 -5.65
CA ALA B 153 35.41 -3.75 -6.78
C ALA B 153 34.21 -2.80 -6.80
N PHE B 154 33.02 -3.32 -6.45
CA PHE B 154 31.84 -2.51 -6.22
C PHE B 154 32.12 -1.52 -5.10
N LEU B 155 32.68 -2.00 -4.00
CA LEU B 155 33.15 -1.13 -2.93
C LEU B 155 34.17 -0.19 -3.51
N ASP B 156 35.05 -0.69 -4.40
CA ASP B 156 36.18 0.10 -4.86
C ASP B 156 35.66 1.36 -5.56
N ALA B 157 34.73 1.15 -6.48
CA ALA B 157 34.12 2.23 -7.26
C ALA B 157 33.58 3.32 -6.33
N ILE B 158 32.77 2.94 -5.31
CA ILE B 158 32.18 3.89 -4.37
C ILE B 158 33.30 4.63 -3.65
N VAL B 159 34.33 3.87 -3.30
CA VAL B 159 35.37 4.41 -2.43
C VAL B 159 36.25 5.38 -3.22
N THR B 160 36.51 5.03 -4.49
CA THR B 160 37.27 5.87 -5.42
C THR B 160 36.56 7.23 -5.51
N LEU B 161 35.24 7.21 -5.79
CA LEU B 161 34.48 8.44 -5.98
C LEU B 161 34.55 9.36 -4.76
N VAL B 162 34.52 8.80 -3.54
CA VAL B 162 34.48 9.68 -2.37
C VAL B 162 35.86 10.29 -2.18
N ASN B 163 36.92 9.50 -2.42
CA ASN B 163 38.28 9.97 -2.14
C ASN B 163 38.65 11.03 -3.18
N ASN B 164 38.34 10.76 -4.45
CA ASN B 164 38.60 11.71 -5.53
C ASN B 164 37.92 13.04 -5.21
N ALA B 165 36.66 13.00 -4.76
CA ALA B 165 35.92 14.21 -4.43
C ALA B 165 36.50 14.87 -3.19
N ASP B 166 36.92 14.05 -2.24
CA ASP B 166 37.59 14.56 -1.04
C ASP B 166 38.82 15.40 -1.42
N ALA B 167 39.59 14.89 -2.40
CA ALA B 167 40.86 15.50 -2.80
C ALA B 167 40.60 16.75 -3.65
N GLU B 168 39.49 16.77 -4.38
CA GLU B 168 39.10 17.86 -5.28
C GLU B 168 38.60 19.08 -4.51
N PHE B 169 37.91 18.90 -3.39
CA PHE B 169 37.35 20.04 -2.66
C PHE B 169 38.12 20.25 -1.38
N GLY B 170 39.07 19.33 -1.14
CA GLY B 170 39.84 19.27 0.11
C GLY B 170 38.95 19.24 1.36
N VAL B 171 38.03 18.26 1.43
CA VAL B 171 37.29 18.01 2.68
C VAL B 171 36.99 16.52 2.79
N LYS B 172 36.30 16.17 3.89
CA LYS B 172 35.74 14.85 4.08
C LYS B 172 34.22 15.00 3.99
N GLY B 173 33.65 14.68 2.82
CA GLY B 173 32.21 14.80 2.66
C GLY B 173 31.43 13.74 3.47
N THR B 174 30.20 14.07 3.89
CA THR B 174 29.25 13.07 4.35
C THR B 174 28.81 12.16 3.20
N VAL B 175 28.39 10.90 3.52
CA VAL B 175 28.12 9.87 2.51
C VAL B 175 26.72 9.30 2.74
N GLY B 176 25.82 9.54 1.78
CA GLY B 176 24.48 8.98 1.77
C GLY B 176 24.37 8.15 0.51
N ILE B 177 23.82 6.93 0.62
CA ILE B 177 23.78 6.03 -0.52
C ILE B 177 22.36 5.50 -0.71
N GLY B 178 21.88 5.63 -1.95
CA GLY B 178 20.61 5.06 -2.41
C GLY B 178 20.91 3.78 -3.20
N ILE B 179 20.32 2.67 -2.73
CA ILE B 179 20.58 1.34 -3.27
C ILE B 179 19.29 0.77 -3.82
N PRO B 180 19.37 -0.02 -4.89
CA PRO B 180 18.18 -0.71 -5.42
C PRO B 180 17.87 -1.99 -4.66
N GLY B 181 17.47 -1.83 -3.41
CA GLY B 181 17.08 -2.93 -2.55
C GLY B 181 16.98 -2.42 -1.12
N ILE B 182 17.23 -3.30 -0.15
CA ILE B 182 16.93 -3.02 1.24
C ILE B 182 18.14 -3.44 2.07
N ALA B 183 18.50 -2.62 3.05
CA ALA B 183 19.47 -3.02 4.05
C ALA B 183 18.68 -3.58 5.24
N ASP B 184 18.90 -4.85 5.58
CA ASP B 184 18.20 -5.53 6.66
C ASP B 184 18.25 -4.64 7.89
N VAL B 185 17.09 -4.42 8.55
CA VAL B 185 17.03 -3.49 9.67
C VAL B 185 17.76 -4.02 10.91
N GLU B 186 18.02 -5.32 10.97
CA GLU B 186 18.69 -5.87 12.14
C GLU B 186 20.17 -6.11 11.83
N THR B 187 20.49 -6.61 10.62
CA THR B 187 21.85 -7.06 10.33
C THR B 187 22.62 -6.11 9.42
N GLY B 188 21.92 -5.18 8.74
CA GLY B 188 22.57 -4.33 7.75
C GLY B 188 22.91 -5.04 6.44
N LYS B 189 22.61 -6.33 6.33
CA LYS B 189 22.90 -7.04 5.09
C LYS B 189 21.92 -6.64 3.99
N LEU B 190 22.41 -6.54 2.74
CA LEU B 190 21.60 -6.09 1.61
C LEU B 190 20.80 -7.19 0.96
N LEU B 191 19.59 -6.82 0.55
CA LEU B 191 18.82 -7.58 -0.39
CA LEU B 191 18.83 -7.59 -0.39
C LEU B 191 18.61 -6.73 -1.63
N THR B 192 19.34 -7.05 -2.72
CA THR B 192 19.22 -6.28 -3.97
C THR B 192 18.81 -7.22 -5.11
N SER B 193 17.51 -7.27 -5.44
CA SER B 193 16.95 -8.34 -6.28
C SER B 193 17.54 -8.34 -7.69
N ASN B 194 17.92 -7.17 -8.22
CA ASN B 194 18.50 -7.07 -9.54
C ASN B 194 20.02 -6.83 -9.48
N ILE B 195 20.63 -6.96 -8.29
CA ILE B 195 22.09 -6.96 -8.20
CA ILE B 195 22.08 -6.95 -8.20
C ILE B 195 22.53 -8.18 -7.39
N PRO B 196 22.61 -9.40 -8.00
CA PRO B 196 23.01 -10.58 -7.23
C PRO B 196 24.41 -10.48 -6.61
N ALA B 197 25.25 -9.58 -7.15
CA ALA B 197 26.61 -9.30 -6.68
C ALA B 197 26.59 -8.86 -5.22
N ALA B 198 25.69 -7.94 -4.88
CA ALA B 198 25.77 -7.25 -3.60
C ALA B 198 24.98 -7.98 -2.51
N MET B 199 24.16 -8.97 -2.91
CA MET B 199 23.25 -9.67 -2.05
C MET B 199 24.02 -10.18 -0.83
N GLY B 200 23.54 -9.83 0.37
CA GLY B 200 24.00 -10.35 1.65
C GLY B 200 25.12 -9.54 2.28
N HIS B 201 25.62 -8.49 1.59
CA HIS B 201 26.71 -7.75 2.18
C HIS B 201 26.33 -6.66 3.20
N THR B 202 27.22 -6.42 4.17
CA THR B 202 27.06 -5.37 5.17
C THR B 202 27.61 -4.03 4.67
N LEU B 203 26.94 -3.47 3.66
CA LEU B 203 27.45 -2.36 2.88
C LEU B 203 27.75 -1.18 3.77
N GLN B 204 26.82 -0.87 4.68
CA GLN B 204 27.07 0.30 5.49
C GLN B 204 28.33 0.15 6.33
N ARG B 205 28.50 -1.03 6.96
CA ARG B 205 29.66 -1.23 7.82
C ARG B 205 30.94 -1.34 6.98
N ASP B 206 30.88 -2.05 5.86
CA ASP B 206 32.03 -2.22 4.98
C ASP B 206 32.53 -0.87 4.44
N LEU B 207 31.60 0.05 4.10
CA LEU B 207 31.97 1.38 3.61
C LEU B 207 32.41 2.25 4.77
N GLU B 208 31.80 2.08 5.93
CA GLU B 208 32.25 2.85 7.09
C GLU B 208 33.68 2.43 7.44
N GLU B 209 34.07 1.19 7.09
CA GLU B 209 35.42 0.72 7.35
C GLU B 209 36.40 1.39 6.39
N ARG B 210 36.16 1.17 5.08
CA ARG B 210 37.00 1.67 4.01
CA ARG B 210 36.99 1.68 4.00
C ARG B 210 37.08 3.20 4.00
N LEU B 211 36.03 3.91 4.48
CA LEU B 211 35.96 5.37 4.33
C LEU B 211 36.16 6.07 5.66
N GLN B 212 36.18 5.32 6.74
CA GLN B 212 36.53 5.87 8.06
C GLN B 212 35.58 7.00 8.47
N ARG B 213 34.29 6.87 8.17
CA ARG B 213 33.30 7.86 8.60
C ARG B 213 31.91 7.21 8.56
N PRO B 214 30.87 7.79 9.20
CA PRO B 214 29.50 7.27 9.10
C PRO B 214 29.00 7.26 7.65
N VAL B 215 28.17 6.28 7.32
CA VAL B 215 27.54 6.17 6.01
C VAL B 215 26.05 5.91 6.27
N LYS B 216 25.18 6.65 5.56
CA LYS B 216 23.75 6.38 5.61
C LYS B 216 23.33 5.64 4.34
N ILE B 217 22.46 4.61 4.49
CA ILE B 217 22.02 3.77 3.38
C ILE B 217 20.51 3.84 3.34
N GLU B 218 19.92 4.01 2.14
CA GLU B 218 18.46 4.03 2.06
C GLU B 218 18.13 3.45 0.70
N ASN B 219 16.89 3.01 0.57
CA ASN B 219 16.45 2.45 -0.68
C ASN B 219 16.42 3.59 -1.71
N ASP B 220 16.71 3.26 -2.98
CA ASP B 220 16.79 4.27 -4.03
C ASP B 220 15.44 4.95 -4.32
N ALA B 221 14.35 4.19 -4.34
CA ALA B 221 13.04 4.81 -4.57
C ALA B 221 12.61 5.66 -3.39
N ASN B 222 12.93 5.26 -2.15
CA ASN B 222 12.73 6.13 -1.00
C ASN B 222 13.46 7.47 -1.19
N CYS B 223 14.74 7.43 -1.57
CA CYS B 223 15.54 8.64 -1.80
C CYS B 223 14.93 9.51 -2.90
N PHE B 224 14.51 8.87 -4.00
CA PHE B 224 13.87 9.59 -5.10
C PHE B 224 12.62 10.28 -4.61
N ALA B 225 11.75 9.55 -3.88
CA ALA B 225 10.48 10.13 -3.43
C ALA B 225 10.75 11.28 -2.44
N LEU B 226 11.73 11.10 -1.55
CA LEU B 226 12.09 12.10 -0.54
CA LEU B 226 12.05 12.11 -0.55
C LEU B 226 12.50 13.42 -1.23
N SER B 227 13.41 13.32 -2.21
CA SER B 227 13.88 14.52 -2.87
C SER B 227 12.77 15.13 -3.73
N GLU B 228 11.98 14.31 -4.42
CA GLU B 228 10.91 14.86 -5.23
C GLU B 228 9.85 15.52 -4.36
N ALA B 229 9.52 14.88 -3.23
CA ALA B 229 8.46 15.40 -2.37
C ALA B 229 8.91 16.66 -1.63
N TRP B 230 10.21 16.92 -1.50
CA TRP B 230 10.70 18.08 -0.77
CA TRP B 230 10.72 18.07 -0.78
C TRP B 230 10.66 19.33 -1.65
N ASP B 231 10.35 19.16 -2.95
CA ASP B 231 10.16 20.29 -3.84
C ASP B 231 8.99 21.14 -3.33
N GLU B 232 9.07 22.46 -3.53
CA GLU B 232 8.09 23.39 -2.96
C GLU B 232 6.65 23.05 -3.33
N ASP B 233 6.44 22.57 -4.58
CA ASP B 233 5.12 22.23 -5.10
CA ASP B 233 5.12 22.23 -5.11
C ASP B 233 4.54 20.98 -4.41
N LEU B 234 5.39 20.16 -3.77
CA LEU B 234 4.92 18.91 -3.20
C LEU B 234 5.05 18.81 -1.70
N ARG B 235 5.87 19.67 -1.08
CA ARG B 235 6.19 19.57 0.34
C ARG B 235 4.93 19.58 1.20
N GLY B 236 3.87 20.25 0.75
CA GLY B 236 2.67 20.38 1.56
C GLY B 236 1.54 19.41 1.14
N GLU B 237 1.83 18.48 0.22
CA GLU B 237 0.84 17.48 -0.18
C GLU B 237 0.72 16.44 0.93
N PRO B 238 -0.49 15.96 1.27
CA PRO B 238 -0.61 15.00 2.38
C PRO B 238 0.10 13.66 2.07
N SER B 239 0.20 13.30 0.79
CA SER B 239 0.93 12.06 0.47
C SER B 239 1.57 12.13 -0.90
N VAL B 240 2.75 11.52 -1.05
CA VAL B 240 3.39 11.47 -2.35
C VAL B 240 3.88 10.04 -2.53
N LEU B 241 3.61 9.44 -3.69
CA LEU B 241 4.22 8.16 -4.04
C LEU B 241 5.25 8.40 -5.14
N GLY B 242 6.51 8.04 -4.87
CA GLY B 242 7.54 8.08 -5.93
C GLY B 242 7.68 6.65 -6.48
N LEU B 243 7.51 6.47 -7.80
CA LEU B 243 7.62 5.16 -8.42
CA LEU B 243 7.64 5.15 -8.39
C LEU B 243 8.79 5.15 -9.40
N ILE B 244 9.70 4.18 -9.24
CA ILE B 244 10.82 3.98 -10.17
CA ILE B 244 10.82 3.98 -10.17
C ILE B 244 10.48 2.81 -11.09
N LEU B 245 10.54 3.04 -12.41
CA LEU B 245 10.35 2.01 -13.43
C LEU B 245 11.67 1.94 -14.19
N GLY B 246 12.58 1.11 -13.72
CA GLY B 246 13.96 1.02 -14.23
C GLY B 246 14.29 -0.43 -14.60
N THR B 247 15.37 -0.95 -14.02
CA THR B 247 15.64 -2.38 -14.10
C THR B 247 14.64 -3.13 -13.25
N GLY B 248 14.23 -2.47 -12.16
CA GLY B 248 13.18 -3.04 -11.32
C GLY B 248 12.09 -2.01 -11.10
N VAL B 249 11.11 -2.34 -10.26
CA VAL B 249 10.01 -1.43 -9.93
C VAL B 249 10.15 -1.17 -8.44
N GLY B 250 10.23 0.11 -8.05
CA GLY B 250 10.37 0.43 -6.64
C GLY B 250 9.52 1.65 -6.29
N GLY B 251 9.16 1.77 -5.01
CA GLY B 251 8.28 2.85 -4.57
C GLY B 251 8.85 3.54 -3.35
N GLY B 252 8.59 4.81 -3.20
CA GLY B 252 8.91 5.52 -1.98
C GLY B 252 7.64 6.22 -1.48
N LEU B 253 7.31 6.05 -0.21
CA LEU B 253 6.02 6.54 0.30
C LEU B 253 6.28 7.71 1.24
N ILE B 254 5.68 8.87 0.94
CA ILE B 254 5.84 10.07 1.77
C ILE B 254 4.44 10.45 2.29
N PHE B 255 4.31 10.58 3.61
CA PHE B 255 3.04 11.01 4.21
C PHE B 255 3.32 12.25 5.04
N ASN B 256 2.57 13.35 4.75
CA ASN B 256 2.80 14.60 5.46
C ASN B 256 4.27 14.95 5.47
N GLY B 257 4.92 14.78 4.33
CA GLY B 257 6.29 15.21 4.24
C GLY B 257 7.32 14.30 4.90
N LYS B 258 6.95 13.12 5.42
CA LYS B 258 7.96 12.25 6.03
C LYS B 258 7.91 10.86 5.39
N VAL B 259 9.08 10.31 5.07
CA VAL B 259 9.15 8.99 4.45
CA VAL B 259 9.26 8.98 4.49
C VAL B 259 8.68 7.93 5.45
N HIS B 260 7.85 7.04 4.92
CA HIS B 260 7.47 5.86 5.66
C HIS B 260 8.39 4.76 5.17
N SER B 261 9.33 4.34 6.00
CA SER B 261 10.30 3.34 5.55
C SER B 261 9.84 1.93 5.94
N GLY B 262 8.91 1.85 6.91
CA GLY B 262 8.30 0.56 7.25
C GLY B 262 9.03 -0.16 8.39
N ARG B 263 8.38 -1.23 8.89
CA ARG B 263 8.89 -2.07 9.96
CA ARG B 263 8.94 -1.96 10.02
C ARG B 263 10.32 -2.54 9.67
N ALA B 264 10.57 -2.86 8.39
CA ALA B 264 11.84 -3.52 8.05
C ALA B 264 12.45 -2.89 6.79
N ASN B 265 12.20 -1.58 6.53
CA ASN B 265 12.77 -0.92 5.36
C ASN B 265 12.19 -1.48 4.05
N ILE B 266 10.99 -2.06 4.11
CA ILE B 266 10.38 -2.67 2.94
C ILE B 266 9.26 -1.79 2.34
N ALA B 267 8.86 -0.74 3.05
CA ALA B 267 7.72 0.03 2.57
C ALA B 267 8.01 0.53 1.15
N GLY B 268 6.99 0.40 0.32
CA GLY B 268 7.08 0.82 -1.07
C GLY B 268 7.63 -0.26 -2.00
N GLU B 269 7.88 -1.50 -1.51
CA GLU B 269 8.38 -2.55 -2.37
C GLU B 269 7.28 -3.14 -3.24
N ILE B 270 6.59 -2.30 -4.01
CA ILE B 270 5.48 -2.75 -4.83
CA ILE B 270 5.48 -2.74 -4.85
C ILE B 270 5.99 -3.66 -5.96
N GLY B 271 7.28 -3.56 -6.29
CA GLY B 271 7.83 -4.46 -7.32
C GLY B 271 7.76 -5.93 -6.90
N HIS B 272 7.75 -6.20 -5.57
CA HIS B 272 7.70 -7.58 -5.10
C HIS B 272 6.28 -7.93 -4.59
N THR B 273 5.26 -7.36 -5.25
CA THR B 273 3.89 -7.84 -5.09
C THR B 273 3.58 -8.56 -6.38
N ARG B 274 2.74 -9.60 -6.32
CA ARG B 274 2.42 -10.41 -7.49
C ARG B 274 1.37 -9.77 -8.37
N LEU B 275 1.38 -10.12 -9.68
CA LEU B 275 0.44 -9.57 -10.63
C LEU B 275 -0.97 -9.82 -10.10
N PRO B 276 -1.87 -8.82 -10.13
CA PRO B 276 -3.23 -9.07 -9.68
C PRO B 276 -4.03 -9.81 -10.75
N TYR B 277 -5.18 -10.37 -10.34
CA TYR B 277 -6.01 -11.19 -11.22
C TYR B 277 -6.36 -10.46 -12.52
N ASP B 278 -6.70 -9.15 -12.45
CA ASP B 278 -7.14 -8.47 -13.67
C ASP B 278 -5.95 -8.31 -14.64
N ALA B 279 -4.71 -8.19 -14.12
CA ALA B 279 -3.54 -8.18 -15.01
C ALA B 279 -3.30 -9.54 -15.65
N LEU B 280 -3.47 -10.61 -14.86
CA LEU B 280 -3.27 -11.95 -15.40
C LEU B 280 -4.29 -12.24 -16.48
N LYS B 281 -5.54 -11.80 -16.26
CA LYS B 281 -6.59 -12.00 -17.25
C LYS B 281 -6.18 -11.30 -18.55
N LEU B 282 -5.66 -10.08 -18.45
CA LEU B 282 -5.24 -9.34 -19.63
C LEU B 282 -4.18 -10.13 -20.40
N LEU B 283 -3.26 -10.80 -19.69
CA LEU B 283 -2.12 -11.47 -20.27
C LEU B 283 -2.41 -12.91 -20.70
N GLY B 284 -3.63 -13.41 -20.52
CA GLY B 284 -4.00 -14.74 -21.00
C GLY B 284 -4.24 -15.76 -19.88
N MET B 285 -4.25 -15.32 -18.60
CA MET B 285 -4.60 -16.17 -17.45
C MET B 285 -3.65 -17.37 -17.34
N GLU B 286 -4.13 -18.60 -17.59
CA GLU B 286 -3.23 -19.76 -17.51
C GLU B 286 -2.18 -19.71 -18.61
N ASN B 287 -2.38 -18.89 -19.65
CA ASN B 287 -1.38 -18.73 -20.68
C ASN B 287 -0.47 -17.52 -20.44
N ALA B 288 -0.69 -16.78 -19.36
CA ALA B 288 0.13 -15.60 -19.07
C ALA B 288 1.57 -16.01 -18.78
N PRO B 289 2.58 -15.21 -19.22
CA PRO B 289 3.96 -15.52 -18.88
C PRO B 289 4.16 -15.22 -17.39
N ILE B 290 4.75 -16.18 -16.69
CA ILE B 290 5.03 -15.98 -15.28
C ILE B 290 6.55 -15.85 -15.14
N PHE B 291 7.05 -14.64 -14.95
CA PHE B 291 8.50 -14.47 -14.94
C PHE B 291 9.07 -14.74 -13.55
N PRO B 292 10.29 -15.33 -13.44
CA PRO B 292 10.94 -15.53 -12.15
C PRO B 292 11.48 -14.19 -11.67
N CYS B 293 11.55 -14.03 -10.33
CA CYS B 293 12.01 -12.78 -9.79
C CYS B 293 13.34 -12.92 -9.12
N GLY B 294 14.12 -11.83 -9.10
CA GLY B 294 15.33 -11.84 -8.28
C GLY B 294 15.05 -12.08 -6.79
N CYS B 295 13.83 -11.79 -6.27
CA CYS B 295 13.59 -12.09 -4.85
C CYS B 295 13.37 -13.59 -4.63
N LYS B 296 13.28 -14.33 -5.74
CA LYS B 296 13.09 -15.78 -5.81
C LYS B 296 11.61 -16.20 -5.76
N ASN B 297 10.69 -15.23 -5.76
CA ASN B 297 9.28 -15.51 -5.95
C ASN B 297 9.05 -15.49 -7.46
N SER B 298 7.79 -15.64 -7.90
CA SER B 298 7.50 -15.60 -9.32
CA SER B 298 7.41 -15.72 -9.30
C SER B 298 6.25 -14.77 -9.56
N GLY B 299 6.25 -14.07 -10.69
CA GLY B 299 5.14 -13.24 -11.06
C GLY B 299 5.12 -11.87 -10.35
N CYS B 300 6.22 -11.49 -9.69
CA CYS B 300 6.29 -10.15 -9.11
C CYS B 300 6.24 -9.10 -10.22
N ILE B 301 5.58 -7.98 -9.97
CA ILE B 301 5.44 -6.94 -10.99
C ILE B 301 6.78 -6.26 -11.36
N ASP B 302 7.81 -6.42 -10.53
CA ASP B 302 9.20 -5.99 -10.83
C ASP B 302 9.63 -6.43 -12.24
N ASN B 303 9.12 -7.58 -12.69
CA ASN B 303 9.53 -8.27 -13.91
C ASN B 303 8.60 -7.97 -15.08
N TYR B 304 7.65 -7.05 -14.88
CA TYR B 304 6.67 -6.73 -15.90
C TYR B 304 6.66 -5.22 -16.18
N LEU B 305 6.65 -4.39 -15.13
CA LEU B 305 6.39 -2.95 -15.37
C LEU B 305 7.69 -2.14 -15.43
N SER B 306 8.81 -2.78 -15.11
CA SER B 306 10.12 -2.14 -15.24
C SER B 306 10.44 -2.01 -16.75
N GLY B 307 11.48 -1.24 -17.07
CA GLY B 307 11.97 -1.23 -18.46
C GLY B 307 12.40 -2.65 -18.90
N ARG B 308 13.02 -3.40 -17.98
CA ARG B 308 13.38 -4.79 -18.26
C ARG B 308 12.11 -5.62 -18.53
N GLY B 309 11.05 -5.40 -17.73
CA GLY B 309 9.83 -6.19 -17.91
C GLY B 309 9.12 -5.86 -19.23
N PHE B 310 9.11 -4.56 -19.58
CA PHE B 310 8.62 -4.12 -20.87
C PHE B 310 9.28 -4.93 -22.00
N GLU B 311 10.59 -5.08 -21.94
CA GLU B 311 11.37 -5.86 -22.91
C GLU B 311 11.04 -7.35 -22.86
N GLN B 312 10.92 -7.91 -21.65
CA GLN B 312 10.65 -9.34 -21.50
C GLN B 312 9.28 -9.67 -22.05
N LEU B 313 8.31 -8.78 -21.82
CA LEU B 313 6.99 -9.03 -22.33
C LEU B 313 6.97 -9.02 -23.86
N TYR B 314 7.71 -8.07 -24.46
CA TYR B 314 7.76 -8.05 -25.92
C TYR B 314 8.33 -9.39 -26.44
N ASP B 315 9.46 -9.80 -25.87
CA ASP B 315 10.14 -11.00 -26.31
C ASP B 315 9.25 -12.23 -26.14
N HIS B 316 8.50 -12.29 -25.03
CA HIS B 316 7.63 -13.43 -24.80
C HIS B 316 6.62 -13.53 -25.93
N TYR B 317 5.99 -12.40 -26.28
CA TYR B 317 4.92 -12.46 -27.26
C TYR B 317 5.43 -12.50 -28.71
N PHE B 318 6.61 -11.96 -29.02
CA PHE B 318 7.00 -11.71 -30.41
C PHE B 318 8.34 -12.37 -30.81
N SER B 319 9.02 -13.01 -29.87
CA SER B 319 10.23 -13.80 -30.08
C SER B 319 11.34 -13.01 -30.77
N GLU B 320 11.58 -11.78 -30.32
CA GLU B 320 12.73 -11.01 -30.75
C GLU B 320 13.17 -10.18 -29.58
N LYS B 321 14.46 -10.16 -29.27
CA LYS B 321 14.96 -9.51 -28.08
C LYS B 321 15.29 -8.06 -28.40
N LEU B 322 14.27 -7.23 -28.53
CA LEU B 322 14.47 -5.80 -28.77
C LEU B 322 14.60 -5.07 -27.43
N SER B 323 15.31 -3.96 -27.44
CA SER B 323 15.45 -3.10 -26.27
C SER B 323 14.17 -2.27 -26.16
N ALA B 324 13.93 -1.68 -24.97
CA ALA B 324 12.77 -0.84 -24.80
C ALA B 324 12.81 0.37 -25.73
N PRO B 325 13.94 1.12 -25.86
CA PRO B 325 13.99 2.23 -26.84
C PRO B 325 13.67 1.83 -28.27
N GLU B 326 14.14 0.63 -28.68
CA GLU B 326 13.86 0.11 -30.00
C GLU B 326 12.37 -0.18 -30.18
N ILE B 327 11.76 -0.84 -29.19
CA ILE B 327 10.32 -1.11 -29.29
C ILE B 327 9.54 0.20 -29.35
N ILE B 328 9.94 1.17 -28.52
CA ILE B 328 9.23 2.44 -28.53
C ILE B 328 9.40 3.16 -29.88
N ALA B 329 10.58 3.07 -30.49
CA ALA B 329 10.76 3.69 -31.81
C ALA B 329 9.86 3.00 -32.84
N HIS B 330 9.77 1.66 -32.76
CA HIS B 330 8.90 0.95 -33.69
C HIS B 330 7.44 1.36 -33.47
N TYR B 331 7.05 1.51 -32.18
CA TYR B 331 5.68 1.96 -31.88
C TYR B 331 5.42 3.33 -32.54
N GLU B 332 6.38 4.25 -32.45
CA GLU B 332 6.22 5.58 -33.02
C GLU B 332 6.06 5.53 -34.55
N GLN B 333 6.52 4.45 -35.19
CA GLN B 333 6.39 4.32 -36.64
CA GLN B 333 6.38 4.32 -36.64
C GLN B 333 5.10 3.56 -36.95
N GLY B 334 4.37 3.14 -35.90
CA GLY B 334 3.11 2.43 -36.11
C GLY B 334 3.31 0.97 -36.50
N GLU B 335 4.50 0.41 -36.24
CA GLU B 335 4.73 -0.99 -36.56
C GLU B 335 3.79 -1.87 -35.72
N ARG B 336 3.24 -2.92 -36.33
CA ARG B 336 2.11 -3.69 -35.80
C ARG B 336 2.43 -4.35 -34.45
N ARG B 337 3.54 -5.09 -34.37
CA ARG B 337 3.90 -5.78 -33.13
C ARG B 337 4.10 -4.79 -31.98
N ALA B 338 4.79 -3.67 -32.26
CA ALA B 338 5.10 -2.71 -31.21
C ALA B 338 3.80 -2.06 -30.75
N VAL B 339 2.89 -1.78 -31.68
CA VAL B 339 1.60 -1.19 -31.33
C VAL B 339 0.80 -2.13 -30.41
N GLN B 340 0.77 -3.43 -30.73
CA GLN B 340 0.07 -4.42 -29.91
CA GLN B 340 0.09 -4.43 -29.92
C GLN B 340 0.70 -4.48 -28.52
N HIS B 341 2.04 -4.52 -28.48
CA HIS B 341 2.79 -4.54 -27.24
C HIS B 341 2.48 -3.34 -26.34
N VAL B 342 2.53 -2.16 -26.93
CA VAL B 342 2.38 -0.92 -26.18
C VAL B 342 0.95 -0.82 -25.64
N GLU B 343 -0.04 -1.24 -26.44
CA GLU B 343 -1.44 -1.23 -26.02
CA GLU B 343 -1.43 -1.19 -26.00
C GLU B 343 -1.60 -2.14 -24.79
N ARG B 344 -1.01 -3.33 -24.85
CA ARG B 344 -1.04 -4.31 -23.80
C ARG B 344 -0.32 -3.75 -22.57
N PHE B 345 0.88 -3.18 -22.79
CA PHE B 345 1.64 -2.67 -21.68
C PHE B 345 0.92 -1.53 -20.95
N MET B 346 0.35 -0.58 -21.70
CA MET B 346 -0.32 0.57 -21.09
C MET B 346 -1.52 0.09 -20.24
N GLU B 347 -2.21 -0.94 -20.74
CA GLU B 347 -3.35 -1.48 -20.00
C GLU B 347 -2.85 -2.24 -18.77
N LEU B 348 -1.77 -3.01 -18.91
CA LEU B 348 -1.17 -3.71 -17.78
C LEU B 348 -0.73 -2.72 -16.69
N LEU B 349 -0.04 -1.65 -17.10
CA LEU B 349 0.43 -0.62 -16.16
C LEU B 349 -0.79 0.03 -15.46
N ALA B 350 -1.84 0.35 -16.21
CA ALA B 350 -3.02 0.96 -15.60
C ALA B 350 -3.65 0.01 -14.58
N ILE B 351 -3.80 -1.27 -14.93
CA ILE B 351 -4.42 -2.25 -14.03
C ILE B 351 -3.62 -2.37 -12.74
N CYS B 352 -2.29 -2.55 -12.86
CA CYS B 352 -1.44 -2.69 -11.69
C CYS B 352 -1.46 -1.44 -10.82
N LEU B 353 -1.37 -0.27 -11.44
CA LEU B 353 -1.35 0.96 -10.66
C LEU B 353 -2.73 1.21 -10.03
N ALA B 354 -3.81 0.85 -10.74
CA ALA B 354 -5.12 1.05 -10.12
C ALA B 354 -5.25 0.23 -8.83
N ASN B 355 -4.73 -1.02 -8.82
CA ASN B 355 -4.71 -1.84 -7.61
C ASN B 355 -3.93 -1.15 -6.51
N ILE B 356 -2.74 -0.68 -6.85
CA ILE B 356 -1.88 0.00 -5.88
C ILE B 356 -2.56 1.28 -5.36
N PHE B 357 -3.24 2.00 -6.25
CA PHE B 357 -3.86 3.27 -5.86
C PHE B 357 -5.12 3.04 -5.02
N THR B 358 -5.70 1.86 -5.15
CA THR B 358 -6.88 1.54 -4.35
C THR B 358 -6.43 1.23 -2.91
N CYS B 359 -5.22 0.72 -2.76
CA CYS B 359 -4.61 0.50 -1.45
C CYS B 359 -4.08 1.82 -0.86
N LEU B 360 -3.28 2.57 -1.63
CA LEU B 360 -2.57 3.70 -1.07
C LEU B 360 -3.26 5.06 -1.30
N ASP B 361 -4.06 5.20 -2.38
CA ASP B 361 -4.75 6.45 -2.74
C ASP B 361 -3.89 7.71 -2.56
N PRO B 362 -2.70 7.76 -3.20
CA PRO B 362 -1.81 8.90 -3.07
C PRO B 362 -2.36 10.15 -3.75
N HIS B 363 -1.95 11.30 -3.23
CA HIS B 363 -2.33 12.61 -3.77
C HIS B 363 -1.57 12.88 -5.07
N VAL B 364 -0.27 12.54 -5.07
CA VAL B 364 0.59 12.81 -6.21
C VAL B 364 1.42 11.56 -6.46
N VAL B 365 1.57 11.19 -7.74
CA VAL B 365 2.46 10.08 -8.06
C VAL B 365 3.54 10.65 -8.97
N VAL B 366 4.81 10.44 -8.60
CA VAL B 366 5.90 10.93 -9.45
C VAL B 366 6.62 9.73 -10.03
N LEU B 367 6.82 9.70 -11.37
CA LEU B 367 7.44 8.53 -11.94
C LEU B 367 8.89 8.84 -12.29
N GLY B 368 9.77 7.89 -12.02
CA GLY B 368 11.18 8.02 -12.34
C GLY B 368 11.72 6.74 -12.93
N GLY B 369 13.00 6.79 -13.32
CA GLY B 369 13.62 5.64 -13.97
C GLY B 369 13.50 5.73 -15.49
N GLY B 370 14.22 4.85 -16.22
CA GLY B 370 14.25 4.96 -17.68
C GLY B 370 12.87 4.98 -18.34
N LEU B 371 11.97 4.13 -17.86
CA LEU B 371 10.71 4.03 -18.57
C LEU B 371 9.78 5.21 -18.27
N SER B 372 10.10 6.01 -17.25
CA SER B 372 9.33 7.23 -17.04
C SER B 372 9.51 8.26 -18.15
N ASN B 373 10.48 8.02 -19.05
CA ASN B 373 10.64 8.99 -20.14
C ASN B 373 9.74 8.64 -21.32
N PHE B 374 9.02 7.51 -21.26
CA PHE B 374 8.06 7.20 -22.30
C PHE B 374 6.83 8.05 -22.07
N GLU B 375 6.72 9.10 -22.89
CA GLU B 375 5.77 10.19 -22.65
C GLU B 375 4.33 9.70 -22.78
N LEU B 376 4.10 8.64 -23.57
CA LEU B 376 2.74 8.18 -23.80
C LEU B 376 2.08 7.78 -22.46
N ILE B 377 2.88 7.35 -21.50
CA ILE B 377 2.40 6.95 -20.18
C ILE B 377 1.50 8.02 -19.57
N TYR B 378 1.94 9.28 -19.62
CA TYR B 378 1.23 10.38 -18.95
C TYR B 378 -0.08 10.73 -19.64
N GLN B 379 -0.19 10.37 -20.92
CA GLN B 379 -1.43 10.56 -21.65
C GLN B 379 -2.39 9.37 -21.42
N GLU B 380 -1.87 8.14 -21.43
CA GLU B 380 -2.70 6.94 -21.38
C GLU B 380 -3.17 6.59 -19.97
N LEU B 381 -2.37 6.85 -18.92
CA LEU B 381 -2.80 6.42 -17.57
C LEU B 381 -4.13 7.07 -17.19
N PRO B 382 -4.29 8.41 -17.29
CA PRO B 382 -5.55 9.06 -16.94
C PRO B 382 -6.71 8.52 -17.75
N LYS B 383 -6.46 8.05 -18.97
CA LYS B 383 -7.58 7.50 -19.73
C LYS B 383 -7.92 6.08 -19.25
N ARG B 384 -6.92 5.28 -18.88
CA ARG B 384 -7.17 3.86 -18.69
C ARG B 384 -7.42 3.49 -17.22
N LEU B 385 -6.95 4.33 -16.28
CA LEU B 385 -7.08 4.05 -14.87
C LEU B 385 -8.55 3.96 -14.43
N PRO B 386 -9.45 4.89 -14.83
CA PRO B 386 -10.81 4.93 -14.28
C PRO B 386 -11.58 3.61 -14.33
N ALA B 387 -11.38 2.81 -15.39
CA ALA B 387 -12.08 1.53 -15.52
C ALA B 387 -11.73 0.59 -14.36
N HIS B 388 -10.53 0.75 -13.77
CA HIS B 388 -10.04 -0.21 -12.78
C HIS B 388 -10.11 0.34 -11.36
N LEU B 389 -10.56 1.59 -11.21
CA LEU B 389 -10.61 2.27 -9.91
C LEU B 389 -12.05 2.18 -9.38
N LEU B 390 -12.22 2.45 -8.10
CA LEU B 390 -13.56 2.53 -7.52
C LEU B 390 -14.27 3.73 -8.15
N HIS B 391 -15.61 3.64 -8.16
CA HIS B 391 -16.48 4.62 -8.80
C HIS B 391 -16.21 6.02 -8.28
N VAL B 392 -15.93 6.18 -6.97
CA VAL B 392 -15.73 7.50 -6.39
C VAL B 392 -14.26 7.91 -6.36
N ALA B 393 -13.37 7.10 -6.99
CA ALA B 393 -11.94 7.48 -6.93
C ALA B 393 -11.73 8.71 -7.82
N LYS B 394 -10.78 9.56 -7.43
CA LYS B 394 -10.38 10.69 -8.25
C LYS B 394 -8.91 10.44 -8.56
N LEU B 395 -8.48 10.81 -9.76
CA LEU B 395 -7.10 10.44 -10.14
C LEU B 395 -6.12 11.25 -9.29
N PRO B 396 -4.95 10.67 -8.92
CA PRO B 396 -3.87 11.48 -8.36
C PRO B 396 -3.30 12.28 -9.53
N LYS B 397 -2.53 13.31 -9.20
CA LYS B 397 -1.72 13.97 -10.19
C LYS B 397 -0.54 13.03 -10.50
N ILE B 398 -0.37 12.66 -11.77
CA ILE B 398 0.67 11.72 -12.18
C ILE B 398 1.66 12.48 -13.03
N ILE B 399 2.87 12.69 -12.49
CA ILE B 399 3.83 13.60 -13.09
C ILE B 399 5.17 12.91 -13.27
N LYS B 400 5.90 13.40 -14.25
CA LYS B 400 7.26 12.94 -14.50
CA LYS B 400 7.26 12.94 -14.49
C LYS B 400 8.20 13.57 -13.47
N ALA B 401 9.24 12.83 -13.07
CA ALA B 401 10.24 13.33 -12.13
C ALA B 401 10.67 14.76 -12.48
N ARG B 402 10.71 15.62 -11.45
CA ARG B 402 11.07 17.00 -11.67
CA ARG B 402 11.05 17.02 -11.59
C ARG B 402 12.57 17.21 -11.56
N HIS B 403 13.31 16.19 -11.11
CA HIS B 403 14.77 16.33 -11.02
C HIS B 403 15.42 15.40 -12.03
N GLY B 404 14.64 14.92 -12.99
CA GLY B 404 15.21 14.10 -14.03
C GLY B 404 15.75 12.80 -13.47
N ASP B 405 17.05 12.54 -13.68
CA ASP B 405 17.61 11.29 -13.18
C ASP B 405 18.37 11.52 -11.87
N ALA B 406 18.21 12.69 -11.23
CA ALA B 406 19.03 13.05 -10.08
C ALA B 406 18.31 12.89 -8.73
N GLY B 407 17.01 12.59 -8.75
CA GLY B 407 16.25 12.44 -7.51
C GLY B 407 16.90 11.51 -6.48
N GLY B 408 17.38 10.37 -6.95
CA GLY B 408 18.08 9.38 -6.12
C GLY B 408 19.34 9.95 -5.47
N VAL B 409 20.17 10.62 -6.28
CA VAL B 409 21.41 11.20 -5.77
C VAL B 409 21.13 12.29 -4.76
N ARG B 410 20.15 13.13 -5.07
CA ARG B 410 19.84 14.23 -4.16
CA ARG B 410 19.78 14.23 -4.19
C ARG B 410 19.25 13.69 -2.85
N GLY B 411 18.30 12.76 -2.93
CA GLY B 411 17.70 12.20 -1.71
C GLY B 411 18.76 11.48 -0.84
N ALA B 412 19.69 10.79 -1.50
CA ALA B 412 20.74 10.11 -0.75
C ALA B 412 21.62 11.14 -0.05
N ALA B 413 22.02 12.20 -0.76
CA ALA B 413 22.93 13.20 -0.20
C ALA B 413 22.27 13.84 1.02
N PHE B 414 20.97 14.07 0.91
CA PHE B 414 20.17 14.83 1.84
C PHE B 414 19.78 13.97 3.04
N LEU B 415 20.13 12.67 3.04
CA LEU B 415 19.91 11.87 4.24
C LEU B 415 20.71 12.49 5.39
N ASN B 416 21.86 13.09 5.06
CA ASN B 416 22.79 13.61 6.05
C ASN B 416 22.53 15.08 6.35
N LEU B 417 21.34 15.62 5.98
CA LEU B 417 21.01 17.00 6.31
C LEU B 417 20.54 17.04 7.76
#